data_8XD5
#
_entry.id   8XD5
#
_cell.length_a   1.00
_cell.length_b   1.00
_cell.length_c   1.00
_cell.angle_alpha   90.00
_cell.angle_beta   90.00
_cell.angle_gamma   90.00
#
_symmetry.space_group_name_H-M   'P 1'
#
loop_
_entity.id
_entity.type
_entity.pdbx_description
1 polymer 'Glutamate dehydrogenase'
2 non-polymer 'NADP NICOTINAMIDE-ADENINE-DINUCLEOTIDE PHOSPHATE'
3 non-polymer 'GAMMA-L-GLUTAMIC ACID'
4 water water
#
_entity_poly.entity_id   1
_entity_poly.type   'polypeptide(L)'
_entity_poly.pdbx_seq_one_letter_code
;MVEIDPFEMAVKQLERAAQYMDISEEALEWLKKPMRIVEVSVPIEMDDGSVKVFTGFRVQHNWARGPTKGGIRWHPAETL
STVKALATWMTWKVAVVDLPYGGGKGGIIVNPKELSEREQERLARAYIRAVYDVIGPWTDIPAPDVYTNPKIMGWMMDEY
ETIMRRKGPAFGVITGKPLSIGGSLGRGTATAQGAIFTIREAAKALGIDLKGKKIAVQGYGNAGYYTAKLAKEQLGMTVV
AVSDSRGGIYNPDGLDPDEVLKWKREHGSVKDFPGATNITNEELLELEVDVLAPAAIEEVITEKNADNIKAKIVAEVANG
PVTPEADDILREKGILQIPDFLCNAGGVTVSYFEWVQNINGYYWTEEEVREKLDKKMTKAFWEVYNTHKDKNIHMRDAAY
VVAVSRVYQAMKDRGWVKK
;
_entity_poly.pdbx_strand_id   A
#
loop_
_chem_comp.id
_chem_comp.type
_chem_comp.name
_chem_comp.formula
GGL L-gamma-peptide, C-delta linking 'GAMMA-L-GLUTAMIC ACID' 'C5 H9 N O4'
NAP non-polymer 'NADP NICOTINAMIDE-ADENINE-DINUCLEOTIDE PHOSPHATE' 'C21 H28 N7 O17 P3'
#
# COMPACT_ATOMS: atom_id res chain seq x y z
N MET A 1 -15.63 4.69 -10.39
CA MET A 1 -16.24 3.38 -10.36
C MET A 1 -16.31 2.83 -8.94
N VAL A 2 -15.83 3.63 -7.99
CA VAL A 2 -15.84 3.21 -6.58
C VAL A 2 -17.25 3.22 -6.00
N GLU A 3 -17.57 2.17 -5.24
CA GLU A 3 -18.88 2.04 -4.62
C GLU A 3 -19.23 3.29 -3.81
N ILE A 4 -18.34 3.65 -2.89
CA ILE A 4 -18.53 4.81 -2.05
C ILE A 4 -17.28 5.68 -2.02
N ASP A 5 -17.44 6.95 -1.64
CA ASP A 5 -16.32 7.87 -1.58
C ASP A 5 -15.23 7.32 -0.65
N PRO A 6 -13.99 7.25 -1.16
CA PRO A 6 -12.86 6.75 -0.37
C PRO A 6 -12.60 7.52 0.92
N PHE A 7 -12.56 8.85 0.86
CA PHE A 7 -12.30 9.62 2.07
C PHE A 7 -13.43 9.49 3.08
N GLU A 8 -14.68 9.48 2.59
CA GLU A 8 -15.81 9.30 3.49
C GLU A 8 -15.76 7.93 4.17
N MET A 9 -15.36 6.93 3.41
CA MET A 9 -15.24 5.58 3.93
C MET A 9 -14.16 5.54 5.00
N ALA A 10 -13.03 6.17 4.71
CA ALA A 10 -11.92 6.22 5.67
C ALA A 10 -12.33 6.91 6.96
N VAL A 11 -13.07 8.02 6.86
CA VAL A 11 -13.54 8.73 8.06
C VAL A 11 -14.53 7.86 8.82
N LYS A 12 -15.39 7.15 8.10
CA LYS A 12 -16.35 6.25 8.74
C LYS A 12 -15.63 5.14 9.48
N GLN A 13 -14.58 4.56 8.89
CA GLN A 13 -13.77 3.57 9.59
C GLN A 13 -13.12 4.16 10.82
N LEU A 14 -12.58 5.37 10.72
CA LEU A 14 -11.92 5.99 11.87
C LEU A 14 -12.89 6.19 13.02
N GLU A 15 -14.10 6.67 12.73
CA GLU A 15 -15.09 6.85 13.79
C GLU A 15 -15.56 5.51 14.35
N ARG A 16 -15.84 4.57 13.46
CA ARG A 16 -16.30 3.25 13.86
C ARG A 16 -15.32 2.58 14.81
N ALA A 17 -14.03 2.82 14.57
CA ALA A 17 -12.99 2.24 15.41
C ALA A 17 -12.70 3.06 16.65
N ALA A 18 -12.87 4.39 16.58
CA ALA A 18 -12.67 5.23 17.76
C ALA A 18 -13.81 5.05 18.74
N GLN A 19 -14.85 4.33 18.35
CA GLN A 19 -15.96 4.06 19.26
C GLN A 19 -15.51 3.07 20.33
N TYR A 20 -14.37 2.42 20.12
CA TYR A 20 -13.85 1.44 21.06
C TYR A 20 -12.62 1.92 21.82
N MET A 21 -12.42 3.23 21.91
CA MET A 21 -11.26 3.77 22.60
C MET A 21 -11.55 5.14 23.20
N ASP A 22 -10.74 5.53 24.17
CA ASP A 22 -10.90 6.82 24.85
C ASP A 22 -10.07 7.86 24.11
N ILE A 23 -10.73 8.69 23.32
CA ILE A 23 -10.07 9.77 22.58
C ILE A 23 -10.97 11.00 22.66
N SER A 24 -10.35 12.16 22.86
CA SER A 24 -11.10 13.40 22.97
C SER A 24 -11.73 13.78 21.64
N GLU A 25 -12.79 14.57 21.71
CA GLU A 25 -13.51 15.03 20.53
C GLU A 25 -12.63 15.90 19.64
N GLU A 26 -11.83 16.77 20.25
CA GLU A 26 -10.95 17.63 19.47
C GLU A 26 -9.89 16.83 18.73
N ALA A 27 -9.35 15.79 19.36
CA ALA A 27 -8.38 14.93 18.70
C ALA A 27 -9.02 14.21 17.52
N LEU A 28 -10.27 13.76 17.69
CA LEU A 28 -10.97 13.09 16.60
C LEU A 28 -11.19 14.04 15.43
N GLU A 29 -11.59 15.28 15.73
CA GLU A 29 -11.77 16.27 14.66
C GLU A 29 -10.45 16.59 13.97
N TRP A 30 -9.36 16.63 14.73
CA TRP A 30 -8.04 16.82 14.13
C TRP A 30 -7.69 15.66 13.20
N LEU A 31 -7.99 14.44 13.64
CA LEU A 31 -7.62 13.25 12.88
C LEU A 31 -8.53 12.98 11.70
N LYS A 32 -9.72 13.58 11.65
CA LYS A 32 -10.64 13.38 10.55
C LYS A 32 -10.41 14.34 9.38
N LYS A 33 -9.36 15.16 9.46
CA LYS A 33 -9.10 16.16 8.43
C LYS A 33 -7.62 16.14 8.07
N PRO A 34 -7.25 16.06 6.79
CA PRO A 34 -5.83 16.11 6.42
C PRO A 34 -5.22 17.43 6.84
N MET A 35 -3.96 17.37 7.28
CA MET A 35 -3.33 18.57 7.85
C MET A 35 -2.90 19.54 6.76
N ARG A 36 -2.43 19.04 5.62
CA ARG A 36 -2.12 19.91 4.49
C ARG A 36 -2.42 19.18 3.19
N ILE A 37 -3.07 19.89 2.26
CA ILE A 37 -3.38 19.40 0.92
C ILE A 37 -2.83 20.42 -0.07
N VAL A 38 -2.08 19.94 -1.07
CA VAL A 38 -1.53 20.80 -2.10
C VAL A 38 -1.99 20.27 -3.45
N GLU A 39 -2.79 21.06 -4.15
CA GLU A 39 -3.20 20.74 -5.52
C GLU A 39 -2.43 21.63 -6.47
N VAL A 40 -1.73 21.01 -7.43
CA VAL A 40 -0.83 21.72 -8.32
C VAL A 40 -1.15 21.37 -9.77
N SER A 41 -0.81 22.29 -10.66
CA SER A 41 -0.87 22.00 -12.09
C SER A 41 0.52 21.58 -12.57
N VAL A 42 0.58 20.46 -13.27
CA VAL A 42 1.84 19.89 -13.74
C VAL A 42 1.90 20.04 -15.26
N PRO A 43 2.61 21.04 -15.78
CA PRO A 43 2.71 21.20 -17.23
C PRO A 43 3.92 20.46 -17.80
N ILE A 44 3.67 19.69 -18.86
CA ILE A 44 4.72 18.98 -19.56
C ILE A 44 4.58 19.24 -21.05
N GLU A 45 5.66 18.98 -21.78
CA GLU A 45 5.65 19.13 -23.24
C GLU A 45 5.52 17.75 -23.86
N MET A 46 4.49 17.57 -24.69
CA MET A 46 4.26 16.27 -25.31
C MET A 46 5.26 16.04 -26.44
N ASP A 47 5.23 14.83 -26.99
CA ASP A 47 6.14 14.45 -28.06
C ASP A 47 5.92 15.27 -29.33
N ASP A 48 4.69 15.73 -29.53
CA ASP A 48 4.35 16.53 -30.70
C ASP A 48 4.64 18.02 -30.51
N GLY A 49 5.16 18.41 -29.35
CA GLY A 49 5.52 19.79 -29.08
C GLY A 49 4.49 20.59 -28.31
N SER A 50 3.26 20.11 -28.17
CA SER A 50 2.24 20.82 -27.43
C SER A 50 2.47 20.70 -25.94
N VAL A 51 1.87 21.60 -25.17
CA VAL A 51 2.00 21.63 -23.73
C VAL A 51 0.68 21.14 -23.12
N LYS A 52 0.77 20.15 -22.25
CA LYS A 52 -0.40 19.57 -21.60
C LYS A 52 -0.25 19.72 -20.09
N VAL A 53 -1.34 20.09 -19.42
CA VAL A 53 -1.33 20.34 -17.98
C VAL A 53 -2.14 19.25 -17.31
N PHE A 54 -1.52 18.54 -16.38
CA PHE A 54 -2.18 17.52 -15.58
C PHE A 54 -2.43 18.04 -14.17
N THR A 55 -3.22 17.30 -13.41
CA THR A 55 -3.55 17.68 -12.04
C THR A 55 -2.81 16.77 -11.07
N GLY A 56 -2.01 17.37 -10.18
CA GLY A 56 -1.28 16.63 -9.17
C GLY A 56 -1.72 17.02 -7.77
N PHE A 57 -1.66 16.03 -6.89
CA PHE A 57 -2.02 16.20 -5.49
C PHE A 57 -0.89 15.71 -4.61
N ARG A 58 -0.62 16.46 -3.54
CA ARG A 58 0.24 16.03 -2.47
C ARG A 58 -0.47 16.32 -1.16
N VAL A 59 -0.99 15.27 -0.52
CA VAL A 59 -1.79 15.40 0.69
C VAL A 59 -1.04 14.70 1.81
N GLN A 60 -0.73 15.46 2.85
CA GLN A 60 -0.12 14.95 4.08
C GLN A 60 -1.26 15.08 5.07
N HIS A 61 -1.57 14.03 5.82
CA HIS A 61 -2.73 14.07 6.71
C HIS A 61 -2.31 14.43 8.14
N ASN A 62 -1.11 14.01 8.54
CA ASN A 62 -0.63 14.27 9.89
C ASN A 62 0.86 13.98 9.97
N TRP A 63 1.61 14.83 10.67
CA TRP A 63 3.04 14.63 10.86
C TRP A 63 3.44 14.74 12.33
N ALA A 64 2.54 14.32 13.23
CA ALA A 64 2.84 14.38 14.66
C ALA A 64 3.98 13.43 15.03
N ARG A 65 3.99 12.25 14.42
CA ARG A 65 5.00 11.24 14.76
C ARG A 65 6.30 11.42 13.99
N GLY A 66 6.31 12.26 12.96
CA GLY A 66 7.50 12.47 12.16
C GLY A 66 7.18 12.90 10.75
N PRO A 67 8.19 12.90 9.87
CA PRO A 67 7.94 13.26 8.47
C PRO A 67 6.95 12.30 7.82
N THR A 68 6.07 12.85 6.99
CA THR A 68 5.03 12.05 6.37
C THR A 68 5.61 11.15 5.29
N LYS A 69 4.97 10.00 5.10
CA LYS A 69 5.41 9.00 4.15
C LYS A 69 4.22 8.48 3.36
N GLY A 70 4.43 8.21 2.08
CA GLY A 70 3.38 7.69 1.23
C GLY A 70 3.77 7.76 -0.23
N GLY A 71 3.22 6.83 -1.00
CA GLY A 71 3.57 6.70 -2.40
C GLY A 71 2.88 7.71 -3.29
N ILE A 72 3.24 7.66 -4.58
CA ILE A 72 2.64 8.51 -5.61
C ILE A 72 1.92 7.61 -6.59
N ARG A 73 0.63 7.86 -6.77
CA ARG A 73 -0.21 7.08 -7.67
C ARG A 73 -0.49 7.86 -8.94
N TRP A 74 -0.25 7.23 -10.09
CA TRP A 74 -0.57 7.80 -11.39
C TRP A 74 -1.81 7.08 -11.91
N HIS A 75 -2.94 7.78 -11.96
CA HIS A 75 -4.16 7.07 -12.33
C HIS A 75 -5.19 7.98 -12.98
N PRO A 76 -5.76 7.57 -14.12
CA PRO A 76 -6.82 8.38 -14.75
C PRO A 76 -8.07 8.52 -13.91
N ALA A 77 -8.43 7.51 -13.12
CA ALA A 77 -9.63 7.54 -12.28
C ALA A 77 -9.36 8.15 -10.91
N GLU A 78 -8.16 8.65 -10.68
CA GLU A 78 -7.81 9.21 -9.38
C GLU A 78 -8.59 10.49 -9.10
N THR A 79 -8.86 10.73 -7.82
CA THR A 79 -9.54 11.93 -7.35
C THR A 79 -8.85 12.39 -6.08
N LEU A 80 -9.02 13.66 -5.73
CA LEU A 80 -8.43 14.19 -4.50
C LEU A 80 -8.90 13.43 -3.28
N SER A 81 -10.16 12.96 -3.31
CA SER A 81 -10.68 12.17 -2.20
C SER A 81 -9.91 10.87 -2.03
N THR A 82 -9.53 10.24 -3.16
CA THR A 82 -8.75 9.02 -3.08
C THR A 82 -7.39 9.27 -2.44
N VAL A 83 -6.73 10.37 -2.81
CA VAL A 83 -5.43 10.68 -2.23
C VAL A 83 -5.56 11.01 -0.75
N LYS A 84 -6.62 11.70 -0.36
CA LYS A 84 -6.85 12.00 1.05
C LYS A 84 -7.04 10.72 1.85
N ALA A 85 -7.86 9.80 1.32
CA ALA A 85 -8.07 8.52 2.00
C ALA A 85 -6.79 7.72 2.10
N LEU A 86 -5.99 7.72 1.04
CA LEU A 86 -4.72 6.99 1.06
C LEU A 86 -3.75 7.58 2.07
N ALA A 87 -3.68 8.91 2.18
CA ALA A 87 -2.81 9.52 3.18
C ALA A 87 -3.30 9.20 4.59
N THR A 88 -4.62 9.23 4.81
CA THR A 88 -5.15 8.87 6.12
C THR A 88 -4.80 7.43 6.47
N TRP A 89 -4.91 6.52 5.50
CA TRP A 89 -4.53 5.13 5.75
C TRP A 89 -3.04 4.98 5.98
N MET A 90 -2.26 5.82 5.31
CA MET A 90 -0.81 5.81 5.44
C MET A 90 -0.45 6.13 6.89
N THR A 91 -1.15 7.11 7.46
CA THR A 91 -0.90 7.48 8.86
C THR A 91 -1.01 6.28 9.78
N TRP A 92 -2.12 5.54 9.69
CA TRP A 92 -2.29 4.37 10.54
C TRP A 92 -1.30 3.26 10.17
N LYS A 93 -0.95 3.20 8.90
CA LYS A 93 -0.01 2.19 8.42
C LYS A 93 1.36 2.36 9.08
N VAL A 94 1.83 3.60 9.16
CA VAL A 94 3.13 3.87 9.77
C VAL A 94 3.01 3.88 11.29
N ALA A 95 1.82 4.12 11.83
CA ALA A 95 1.66 4.10 13.29
C ALA A 95 1.62 2.67 13.82
N VAL A 96 1.05 1.73 13.06
CA VAL A 96 0.84 0.38 13.58
C VAL A 96 2.15 -0.39 13.71
N VAL A 97 3.11 -0.14 12.82
CA VAL A 97 4.39 -0.84 12.88
C VAL A 97 5.43 0.03 13.56
N ASP A 98 4.97 1.11 14.21
CA ASP A 98 5.81 1.95 15.06
C ASP A 98 6.98 2.54 14.29
N LEU A 99 6.66 3.36 13.30
CA LEU A 99 7.69 4.06 12.56
C LEU A 99 7.64 5.55 12.88
N PRO A 100 8.78 6.25 12.87
CA PRO A 100 8.81 7.69 13.12
C PRO A 100 8.34 8.51 11.91
N TYR A 101 7.18 8.16 11.37
CA TYR A 101 6.61 8.77 10.19
C TYR A 101 5.19 9.26 10.48
N GLY A 102 4.78 10.26 9.73
CA GLY A 102 3.37 10.62 9.64
C GLY A 102 2.76 9.96 8.42
N GLY A 103 1.60 10.42 7.98
CA GLY A 103 0.92 9.87 6.84
C GLY A 103 0.87 10.86 5.69
N GLY A 104 1.23 10.39 4.49
CA GLY A 104 1.20 11.22 3.32
C GLY A 104 0.85 10.40 2.09
N LYS A 105 0.59 11.11 1.00
CA LYS A 105 0.32 10.48 -0.28
C LYS A 105 0.41 11.54 -1.38
N GLY A 106 0.66 11.07 -2.61
CA GLY A 106 0.68 11.92 -3.76
C GLY A 106 0.08 11.21 -4.96
N GLY A 107 -0.25 11.99 -5.97
CA GLY A 107 -0.85 11.42 -7.15
C GLY A 107 -0.90 12.39 -8.30
N ILE A 108 -1.07 11.82 -9.50
CA ILE A 108 -1.29 12.58 -10.73
C ILE A 108 -2.43 11.92 -11.50
N ILE A 109 -3.39 12.73 -11.94
CA ILE A 109 -4.47 12.21 -12.76
C ILE A 109 -3.98 12.07 -14.19
N VAL A 110 -3.48 10.89 -14.53
CA VAL A 110 -2.88 10.64 -15.84
C VAL A 110 -2.99 9.16 -16.14
N ASN A 111 -3.07 8.84 -17.44
CA ASN A 111 -3.02 7.47 -17.90
C ASN A 111 -1.60 7.17 -18.37
N PRO A 112 -0.75 6.60 -17.53
CA PRO A 112 0.66 6.39 -17.94
C PRO A 112 0.84 5.45 -19.11
N LYS A 113 -0.13 4.58 -19.39
CA LYS A 113 -0.04 3.71 -20.55
C LYS A 113 -0.09 4.49 -21.86
N GLU A 114 -0.60 5.75 -21.87
CA GLU A 114 -0.66 6.59 -23.05
C GLU A 114 0.52 7.54 -23.15
N LEU A 115 1.49 7.45 -22.25
CA LEU A 115 2.64 8.33 -22.21
C LEU A 115 3.90 7.57 -22.59
N SER A 116 4.78 8.22 -23.35
CA SER A 116 6.06 7.62 -23.68
C SER A 116 7.05 7.80 -22.53
N GLU A 117 8.22 7.20 -22.70
CA GLU A 117 9.28 7.27 -21.70
C GLU A 117 9.69 8.70 -21.41
N ARG A 118 9.93 9.47 -22.46
CA ARG A 118 10.32 10.87 -22.32
C ARG A 118 9.21 11.68 -21.67
N GLU A 119 7.96 11.44 -22.07
CA GLU A 119 6.84 12.13 -21.46
C GLU A 119 6.69 11.77 -19.98
N GLN A 120 6.91 10.49 -19.63
CA GLN A 120 6.84 10.10 -18.22
C GLN A 120 7.94 10.78 -17.40
N GLU A 121 9.15 10.85 -17.96
CA GLU A 121 10.24 11.53 -17.25
C GLU A 121 9.93 13.01 -17.07
N ARG A 122 9.40 13.65 -18.12
CA ARG A 122 9.03 15.06 -18.01
C ARG A 122 7.94 15.26 -16.98
N LEU A 123 6.96 14.35 -16.93
CA LEU A 123 5.89 14.44 -15.95
C LEU A 123 6.44 14.32 -14.53
N ALA A 124 7.33 13.37 -14.29
CA ALA A 124 7.91 13.20 -12.96
C ALA A 124 8.70 14.44 -12.55
N ARG A 125 9.53 14.96 -13.46
CA ARG A 125 10.33 16.13 -13.13
C ARG A 125 9.46 17.36 -12.88
N ALA A 126 8.42 17.54 -13.68
CA ALA A 126 7.52 18.67 -13.48
C ALA A 126 6.73 18.53 -12.18
N TYR A 127 6.33 17.31 -11.81
CA TYR A 127 5.67 17.11 -10.54
C TYR A 127 6.58 17.47 -9.38
N ILE A 128 7.86 17.07 -9.47
CA ILE A 128 8.81 17.45 -8.42
C ILE A 128 8.97 18.96 -8.36
N ARG A 129 9.09 19.60 -9.53
CA ARG A 129 9.21 21.05 -9.55
C ARG A 129 7.98 21.73 -8.95
N ALA A 130 6.81 21.12 -9.12
CA ALA A 130 5.59 21.70 -8.56
C ALA A 130 5.49 21.52 -7.05
N VAL A 131 5.87 20.35 -6.52
CA VAL A 131 5.65 20.05 -5.12
C VAL A 131 6.94 20.09 -4.30
N TYR A 132 8.00 20.69 -4.83
CA TYR A 132 9.26 20.78 -4.08
C TYR A 132 9.08 21.47 -2.74
N ASP A 133 8.18 22.45 -2.67
CA ASP A 133 8.11 23.30 -1.49
C ASP A 133 7.49 22.58 -0.29
N VAL A 134 6.90 21.41 -0.51
CA VAL A 134 6.23 20.68 0.57
C VAL A 134 6.83 19.31 0.81
N ILE A 135 7.91 18.95 0.11
CA ILE A 135 8.54 17.65 0.27
C ILE A 135 10.00 17.85 0.68
N GLY A 136 10.59 16.78 1.21
CA GLY A 136 11.96 16.80 1.65
C GLY A 136 12.32 15.56 2.44
N PRO A 137 13.62 15.35 2.68
CA PRO A 137 14.04 14.18 3.47
C PRO A 137 13.53 14.20 4.89
N TRP A 138 13.17 15.36 5.44
CA TRP A 138 12.64 15.46 6.79
C TRP A 138 11.23 16.06 6.83
N THR A 139 10.63 16.30 5.67
CA THR A 139 9.28 16.87 5.59
C THR A 139 8.28 15.90 4.99
N ASP A 140 8.55 15.37 3.79
CA ASP A 140 7.64 14.46 3.12
C ASP A 140 8.41 13.57 2.16
N ILE A 141 8.32 12.26 2.33
CA ILE A 141 9.11 11.30 1.59
C ILE A 141 8.18 10.47 0.71
N PRO A 142 8.11 10.78 -0.58
CA PRO A 142 7.28 9.98 -1.49
C PRO A 142 7.82 8.57 -1.71
N ALA A 143 7.08 7.75 -2.45
CA ALA A 143 7.49 6.38 -2.75
C ALA A 143 6.70 5.86 -3.94
N PRO A 144 7.08 4.68 -4.46
CA PRO A 144 6.31 4.12 -5.58
C PRO A 144 4.92 3.70 -5.14
N ASP A 145 3.99 3.73 -6.09
CA ASP A 145 2.63 3.28 -5.86
C ASP A 145 2.08 2.74 -7.17
N VAL A 146 0.76 2.62 -7.29
CA VAL A 146 0.12 2.09 -8.49
C VAL A 146 0.58 2.87 -9.72
N TYR A 147 1.02 2.14 -10.74
CA TYR A 147 1.47 2.69 -12.02
C TYR A 147 2.69 3.60 -11.88
N THR A 148 3.43 3.47 -10.78
CA THR A 148 4.72 4.11 -10.63
C THR A 148 5.73 3.06 -10.18
N ASN A 149 6.99 3.28 -10.55
CA ASN A 149 8.03 2.27 -10.42
C ASN A 149 9.34 2.92 -10.00
N PRO A 150 10.38 2.13 -9.67
CA PRO A 150 11.65 2.73 -9.25
C PRO A 150 12.29 3.65 -10.29
N LYS A 151 11.94 3.45 -11.56
CA LYS A 151 12.46 4.29 -12.63
C LYS A 151 12.02 5.72 -12.39
N ILE A 152 10.71 5.91 -12.27
CA ILE A 152 10.13 7.22 -12.01
C ILE A 152 10.65 7.78 -10.68
N MET A 153 10.87 6.90 -9.70
CA MET A 153 11.44 7.34 -8.43
C MET A 153 12.82 7.93 -8.61
N GLY A 154 13.66 7.29 -9.43
CA GLY A 154 14.98 7.83 -9.68
C GLY A 154 14.95 9.14 -10.44
N TRP A 155 14.04 9.26 -11.41
CA TRP A 155 13.87 10.53 -12.10
C TRP A 155 13.48 11.64 -11.13
N MET A 156 12.53 11.35 -10.24
CA MET A 156 12.09 12.33 -9.26
C MET A 156 13.22 12.70 -8.30
N MET A 157 14.00 11.71 -7.86
CA MET A 157 15.14 11.99 -6.99
C MET A 157 16.16 12.87 -7.68
N ASP A 158 16.45 12.59 -8.96
CA ASP A 158 17.40 13.42 -9.68
C ASP A 158 16.91 14.85 -9.80
N GLU A 159 15.63 15.04 -10.12
CA GLU A 159 15.08 16.40 -10.21
C GLU A 159 15.16 17.11 -8.86
N TYR A 160 14.82 16.41 -7.78
CA TYR A 160 14.88 17.03 -6.46
C TYR A 160 16.31 17.40 -6.10
N GLU A 161 17.27 16.54 -6.42
CA GLU A 161 18.67 16.86 -6.14
C GLU A 161 19.14 18.05 -6.95
N THR A 162 18.70 18.16 -8.21
CA THR A 162 19.05 19.32 -9.02
C THR A 162 18.49 20.61 -8.42
N ILE A 163 17.24 20.56 -7.94
CA ILE A 163 16.64 21.77 -7.36
C ILE A 163 17.31 22.11 -6.03
N MET A 164 17.58 21.07 -5.24
CA MET A 164 18.16 21.22 -3.90
C MET A 164 19.64 21.58 -3.83
N ARG A 165 20.29 21.60 -4.99
CA ARG A 165 21.70 21.97 -5.12
C ARG A 165 22.60 21.12 -4.22
N ARG A 166 22.19 19.89 -3.93
CA ARG A 166 23.00 18.92 -3.19
C ARG A 166 23.43 19.43 -1.82
N LYS A 167 22.54 20.14 -1.15
CA LYS A 167 22.83 20.70 0.17
C LYS A 167 22.73 19.68 1.30
N GLY A 168 21.86 18.68 1.14
CA GLY A 168 21.69 17.66 2.15
C GLY A 168 21.49 16.28 1.57
N PRO A 169 20.93 15.38 2.37
CA PRO A 169 20.72 14.01 1.89
C PRO A 169 19.59 13.90 0.88
N ALA A 170 19.88 14.24 -0.37
CA ALA A 170 18.85 14.19 -1.42
C ALA A 170 18.37 12.77 -1.65
N PHE A 171 19.26 11.78 -1.52
CA PHE A 171 18.87 10.39 -1.71
C PHE A 171 17.70 10.00 -0.81
N GLY A 172 17.61 10.61 0.37
CA GLY A 172 16.56 10.31 1.31
C GLY A 172 15.25 11.03 1.07
N VAL A 173 15.15 11.87 0.03
CA VAL A 173 13.89 12.56 -0.23
C VAL A 173 12.80 11.60 -0.71
N ILE A 174 13.17 10.46 -1.27
CA ILE A 174 12.20 9.57 -1.88
C ILE A 174 12.74 8.15 -1.78
N THR A 175 11.83 7.19 -1.62
CA THR A 175 12.20 5.79 -1.43
C THR A 175 11.74 4.97 -2.64
N GLY A 176 12.05 3.68 -2.59
CA GLY A 176 11.80 2.81 -3.73
C GLY A 176 12.65 3.14 -4.93
N LYS A 177 13.88 3.58 -4.71
CA LYS A 177 14.82 4.00 -5.74
C LYS A 177 15.58 2.81 -6.29
N PRO A 178 16.14 2.93 -7.49
CA PRO A 178 17.05 1.88 -7.98
C PRO A 178 18.28 1.76 -7.10
N LEU A 179 18.82 0.55 -7.04
CA LEU A 179 19.96 0.29 -6.17
C LEU A 179 21.20 1.10 -6.56
N SER A 180 21.37 1.40 -7.84
CA SER A 180 22.53 2.17 -8.28
C SER A 180 22.53 3.58 -7.70
N ILE A 181 21.37 4.22 -7.67
CA ILE A 181 21.27 5.58 -7.13
C ILE A 181 20.70 5.64 -5.72
N GLY A 182 21.26 4.86 -4.81
CA GLY A 182 20.82 4.85 -3.43
C GLY A 182 19.62 4.00 -3.11
N GLY A 183 19.55 2.81 -3.70
CA GLY A 183 18.43 1.90 -3.46
C GLY A 183 18.72 0.99 -2.29
N SER A 184 17.70 0.27 -1.84
CA SER A 184 17.85 -0.65 -0.71
C SER A 184 17.53 -2.09 -1.10
N LEU A 185 18.31 -3.02 -0.58
CA LEU A 185 18.10 -4.43 -0.88
C LEU A 185 16.83 -4.93 -0.21
N GLY A 186 16.05 -5.71 -0.94
CA GLY A 186 14.79 -6.21 -0.44
C GLY A 186 13.62 -5.27 -0.58
N ARG A 187 13.81 -4.08 -1.16
CA ARG A 187 12.72 -3.15 -1.32
C ARG A 187 11.80 -3.58 -2.45
N GLY A 188 12.32 -4.31 -3.43
CA GLY A 188 11.49 -4.76 -4.55
C GLY A 188 10.40 -5.72 -4.12
N THR A 189 10.72 -6.64 -3.22
CA THR A 189 9.75 -7.58 -2.67
C THR A 189 9.32 -7.22 -1.26
N ALA A 190 9.25 -5.94 -0.93
CA ALA A 190 9.02 -5.53 0.45
C ALA A 190 7.59 -5.81 0.88
N THR A 191 6.61 -5.23 0.18
CA THR A 191 5.22 -5.38 0.57
C THR A 191 4.78 -6.84 0.47
N ALA A 192 5.28 -7.57 -0.53
CA ALA A 192 4.98 -8.98 -0.65
C ALA A 192 5.55 -9.78 0.52
N GLN A 193 6.78 -9.47 0.93
CA GLN A 193 7.38 -10.15 2.06
C GLN A 193 6.60 -9.89 3.34
N GLY A 194 6.20 -8.63 3.55
CA GLY A 194 5.39 -8.31 4.73
C GLY A 194 4.05 -9.03 4.71
N ALA A 195 3.40 -9.08 3.55
CA ALA A 195 2.14 -9.78 3.42
C ALA A 195 2.31 -11.27 3.70
N ILE A 196 3.40 -11.87 3.20
CA ILE A 196 3.66 -13.28 3.44
C ILE A 196 3.90 -13.54 4.92
N PHE A 197 4.66 -12.66 5.59
CA PHE A 197 4.88 -12.83 7.02
C PHE A 197 3.57 -12.72 7.79
N THR A 198 2.71 -11.76 7.44
CA THR A 198 1.42 -11.64 8.11
C THR A 198 0.53 -12.85 7.86
N ILE A 199 0.55 -13.38 6.64
CA ILE A 199 -0.24 -14.57 6.33
C ILE A 199 0.26 -15.76 7.14
N ARG A 200 1.58 -15.92 7.24
CA ARG A 200 2.13 -17.00 8.04
C ARG A 200 1.74 -16.87 9.50
N GLU A 201 1.80 -15.66 10.05
CA GLU A 201 1.41 -15.45 11.45
C GLU A 201 -0.07 -15.71 11.64
N ALA A 202 -0.91 -15.30 10.69
CA ALA A 202 -2.34 -15.55 10.78
C ALA A 202 -2.64 -17.05 10.74
N ALA A 203 -1.95 -17.78 9.87
CA ALA A 203 -2.13 -19.22 9.81
C ALA A 203 -1.68 -19.88 11.11
N LYS A 204 -0.62 -19.36 11.70
CA LYS A 204 -0.11 -19.88 12.96
C LYS A 204 -1.17 -19.67 14.03
N ALA A 205 -1.76 -18.47 14.05
CA ALA A 205 -2.81 -18.16 15.02
C ALA A 205 -4.04 -19.04 14.82
N LEU A 206 -4.41 -19.30 13.57
CA LEU A 206 -5.57 -20.12 13.24
C LEU A 206 -5.27 -21.61 13.28
N GLY A 207 -4.02 -22.01 13.49
CA GLY A 207 -3.66 -23.40 13.46
C GLY A 207 -3.81 -24.08 12.11
N ILE A 208 -3.40 -23.43 11.03
CA ILE A 208 -3.56 -23.96 9.68
C ILE A 208 -2.18 -24.13 9.05
N ASP A 209 -1.92 -25.32 8.52
CA ASP A 209 -0.69 -25.60 7.79
C ASP A 209 -0.88 -25.12 6.36
N LEU A 210 -0.06 -24.16 5.93
CA LEU A 210 -0.26 -23.54 4.63
C LEU A 210 0.31 -24.37 3.48
N LYS A 211 1.13 -25.37 3.78
CA LYS A 211 1.74 -26.17 2.71
C LYS A 211 0.68 -26.97 1.96
N GLY A 212 0.63 -26.81 0.64
CA GLY A 212 -0.34 -27.48 -0.18
C GLY A 212 -1.67 -26.76 -0.32
N LYS A 213 -1.84 -25.63 0.36
CA LYS A 213 -3.10 -24.90 0.31
C LYS A 213 -3.15 -24.01 -0.93
N LYS A 214 -4.27 -23.30 -1.09
CA LYS A 214 -4.54 -22.53 -2.30
C LYS A 214 -4.61 -21.04 -1.99
N ILE A 215 -3.96 -20.25 -2.84
CA ILE A 215 -3.97 -18.79 -2.74
C ILE A 215 -4.42 -18.21 -4.08
N ALA A 216 -5.34 -17.26 -4.02
CA ALA A 216 -5.80 -16.52 -5.18
C ALA A 216 -5.42 -15.05 -5.02
N VAL A 217 -4.70 -14.51 -5.99
CA VAL A 217 -4.16 -13.16 -5.92
C VAL A 217 -4.84 -12.30 -6.98
N GLN A 218 -5.37 -11.16 -6.58
CA GLN A 218 -5.93 -10.20 -7.52
C GLN A 218 -4.91 -9.11 -7.82
N GLY A 219 -4.75 -8.77 -9.09
CA GLY A 219 -3.75 -7.81 -9.49
C GLY A 219 -2.39 -8.47 -9.65
N TYR A 220 -1.73 -8.21 -10.77
CA TYR A 220 -0.42 -8.78 -11.03
C TYR A 220 0.63 -7.69 -11.27
N GLY A 221 0.78 -6.81 -10.29
CA GLY A 221 1.75 -5.73 -10.38
C GLY A 221 3.00 -6.03 -9.60
N ASN A 222 3.49 -5.04 -8.87
CA ASN A 222 4.70 -5.19 -8.07
C ASN A 222 4.39 -5.94 -6.77
N ALA A 223 3.17 -5.78 -6.27
CA ALA A 223 2.75 -6.44 -5.05
C ALA A 223 2.11 -7.79 -5.32
N GLY A 224 1.18 -7.85 -6.29
CA GLY A 224 0.48 -9.09 -6.53
C GLY A 224 1.37 -10.20 -7.04
N TYR A 225 2.21 -9.89 -8.04
CA TYR A 225 3.09 -10.90 -8.59
C TYR A 225 4.09 -11.39 -7.55
N TYR A 226 4.69 -10.45 -6.80
CA TYR A 226 5.67 -10.89 -5.81
C TYR A 226 5.00 -11.63 -4.66
N THR A 227 3.77 -11.27 -4.31
CA THR A 227 3.04 -12.01 -3.29
C THR A 227 2.78 -13.44 -3.73
N ALA A 228 2.35 -13.62 -4.97
CA ALA A 228 2.11 -14.97 -5.48
C ALA A 228 3.41 -15.77 -5.52
N LYS A 229 4.49 -15.15 -5.99
CA LYS A 229 5.77 -15.84 -6.09
C LYS A 229 6.28 -16.26 -4.71
N LEU A 230 6.19 -15.36 -3.73
CA LEU A 230 6.70 -15.66 -2.40
C LEU A 230 5.81 -16.67 -1.68
N ALA A 231 4.50 -16.62 -1.91
CA ALA A 231 3.61 -17.62 -1.34
C ALA A 231 3.90 -19.01 -1.91
N LYS A 232 4.17 -19.08 -3.21
CA LYS A 232 4.51 -20.37 -3.81
C LYS A 232 5.87 -20.85 -3.33
N GLU A 233 6.79 -19.92 -3.07
CA GLU A 233 8.15 -20.30 -2.71
C GLU A 233 8.33 -20.49 -1.21
N GLN A 234 7.98 -19.49 -0.40
CA GLN A 234 8.26 -19.52 1.04
C GLN A 234 7.20 -20.27 1.82
N LEU A 235 5.92 -20.03 1.55
CA LEU A 235 4.86 -20.69 2.30
C LEU A 235 4.48 -22.05 1.74
N GLY A 236 5.00 -22.42 0.57
CA GLY A 236 4.64 -23.67 -0.04
C GLY A 236 3.22 -23.72 -0.58
N MET A 237 2.62 -22.55 -0.83
CA MET A 237 1.24 -22.48 -1.29
C MET A 237 1.15 -22.85 -2.77
N THR A 238 -0.08 -23.06 -3.23
CA THR A 238 -0.36 -23.35 -4.63
C THR A 238 -1.19 -22.19 -5.20
N VAL A 239 -0.58 -21.42 -6.10
CA VAL A 239 -1.26 -20.30 -6.73
C VAL A 239 -2.20 -20.85 -7.79
N VAL A 240 -3.51 -20.77 -7.52
CA VAL A 240 -4.51 -21.34 -8.42
C VAL A 240 -5.12 -20.31 -9.36
N ALA A 241 -5.02 -19.03 -9.06
CA ALA A 241 -5.61 -18.01 -9.92
C ALA A 241 -4.91 -16.68 -9.69
N VAL A 242 -4.68 -15.95 -10.80
CA VAL A 242 -4.16 -14.59 -10.75
C VAL A 242 -5.00 -13.75 -11.70
N SER A 243 -4.78 -12.43 -11.65
CA SER A 243 -5.57 -11.53 -12.50
C SER A 243 -4.86 -10.20 -12.66
N ASP A 244 -5.31 -9.45 -13.67
CA ASP A 244 -4.98 -8.04 -13.85
C ASP A 244 -6.23 -7.32 -14.34
N SER A 245 -6.09 -6.06 -14.75
CA SER A 245 -7.25 -5.23 -15.05
C SER A 245 -8.07 -5.80 -16.20
N ARG A 246 -7.48 -6.64 -17.05
CA ARG A 246 -8.21 -7.14 -18.21
C ARG A 246 -8.90 -8.48 -17.91
N GLY A 247 -8.64 -9.06 -16.74
CA GLY A 247 -9.22 -10.35 -16.42
C GLY A 247 -8.19 -11.21 -15.73
N GLY A 248 -8.59 -12.46 -15.44
CA GLY A 248 -7.76 -13.37 -14.70
C GLY A 248 -7.72 -14.76 -15.32
N ILE A 249 -6.76 -15.55 -14.83
CA ILE A 249 -6.59 -16.95 -15.21
C ILE A 249 -6.65 -17.80 -13.95
N TYR A 250 -7.40 -18.90 -14.05
CA TYR A 250 -7.58 -19.84 -12.95
C TYR A 250 -7.12 -21.22 -13.38
N ASN A 251 -6.46 -21.93 -12.48
CA ASN A 251 -6.01 -23.29 -12.73
C ASN A 251 -6.04 -24.10 -11.44
N PRO A 252 -6.86 -25.15 -11.38
CA PRO A 252 -6.90 -25.97 -10.15
C PRO A 252 -5.56 -26.62 -9.82
N ASP A 253 -4.75 -26.96 -10.82
CA ASP A 253 -3.47 -27.62 -10.59
C ASP A 253 -2.37 -26.66 -10.16
N GLY A 254 -2.58 -25.35 -10.30
CA GLY A 254 -1.58 -24.39 -9.89
C GLY A 254 -0.89 -23.70 -11.04
N LEU A 255 -0.42 -22.47 -10.81
CA LEU A 255 0.28 -21.69 -11.83
C LEU A 255 1.69 -21.37 -11.38
N ASP A 256 2.59 -21.31 -12.35
CA ASP A 256 3.96 -20.86 -12.10
C ASP A 256 4.01 -19.35 -12.28
N PRO A 257 4.30 -18.58 -11.23
CA PRO A 257 4.26 -17.11 -11.37
C PRO A 257 5.22 -16.56 -12.41
N ASP A 258 6.38 -17.18 -12.61
CA ASP A 258 7.36 -16.66 -13.56
C ASP A 258 6.85 -16.78 -14.99
N GLU A 259 6.25 -17.93 -15.33
CA GLU A 259 5.71 -18.11 -16.67
C GLU A 259 4.54 -17.16 -16.92
N VAL A 260 3.70 -16.95 -15.91
CA VAL A 260 2.58 -16.02 -16.04
C VAL A 260 3.10 -14.60 -16.25
N LEU A 261 4.14 -14.22 -15.50
CA LEU A 261 4.72 -12.88 -15.68
C LEU A 261 5.32 -12.73 -17.07
N LYS A 262 6.01 -13.75 -17.56
CA LYS A 262 6.57 -13.69 -18.92
C LYS A 262 5.46 -13.54 -19.96
N TRP A 263 4.38 -14.30 -19.80
CA TRP A 263 3.25 -14.19 -20.72
C TRP A 263 2.63 -12.81 -20.66
N LYS A 264 2.50 -12.25 -19.46
CA LYS A 264 1.94 -10.90 -19.32
C LYS A 264 2.84 -9.87 -19.99
N ARG A 265 4.15 -10.01 -19.84
CA ARG A 265 5.06 -9.05 -20.47
C ARG A 265 5.05 -9.18 -21.99
N GLU A 266 4.93 -10.40 -22.50
CA GLU A 266 4.95 -10.65 -23.93
C GLU A 266 3.60 -10.45 -24.63
N HIS A 267 2.54 -10.31 -23.85
CA HIS A 267 1.21 -10.11 -24.41
C HIS A 267 0.45 -8.91 -23.83
N GLY A 268 0.91 -8.35 -22.71
CA GLY A 268 0.25 -7.19 -22.15
C GLY A 268 -0.73 -7.53 -21.04
N SER A 269 -1.14 -8.79 -20.97
CA SER A 269 -2.08 -9.22 -19.95
C SER A 269 -1.90 -10.72 -19.72
N VAL A 270 -2.43 -11.19 -18.58
CA VAL A 270 -2.35 -12.60 -18.26
C VAL A 270 -3.45 -13.41 -18.93
N LYS A 271 -4.32 -12.75 -19.69
CA LYS A 271 -5.44 -13.44 -20.33
C LYS A 271 -4.94 -14.45 -21.36
N ASP A 272 -5.71 -15.52 -21.53
CA ASP A 272 -5.42 -16.58 -22.49
C ASP A 272 -4.07 -17.27 -22.23
N PHE A 273 -3.68 -17.35 -20.96
CA PHE A 273 -2.47 -18.08 -20.60
C PHE A 273 -2.67 -19.56 -20.86
N PRO A 274 -1.70 -20.25 -21.47
CA PRO A 274 -1.88 -21.69 -21.78
C PRO A 274 -2.12 -22.53 -20.54
N GLY A 275 -3.04 -23.49 -20.65
CA GLY A 275 -3.35 -24.39 -19.55
C GLY A 275 -4.24 -23.80 -18.47
N ALA A 276 -4.76 -22.60 -18.66
CA ALA A 276 -5.56 -21.93 -17.65
C ALA A 276 -6.89 -21.46 -18.25
N THR A 277 -7.88 -21.28 -17.38
CA THR A 277 -9.20 -20.83 -17.80
C THR A 277 -9.37 -19.35 -17.52
N ASN A 278 -9.87 -18.62 -18.53
CA ASN A 278 -10.10 -17.19 -18.39
C ASN A 278 -11.34 -16.93 -17.54
N ILE A 279 -11.18 -16.07 -16.54
CA ILE A 279 -12.27 -15.69 -15.65
C ILE A 279 -12.21 -14.18 -15.41
N THR A 280 -13.20 -13.68 -14.69
CA THR A 280 -13.22 -12.27 -14.33
C THR A 280 -12.72 -12.07 -12.91
N ASN A 281 -12.44 -10.81 -12.56
CA ASN A 281 -12.01 -10.49 -11.21
C ASN A 281 -13.10 -10.82 -10.19
N GLU A 282 -14.37 -10.57 -10.56
CA GLU A 282 -15.48 -10.94 -9.70
C GLU A 282 -15.52 -12.44 -9.46
N GLU A 283 -15.28 -13.23 -10.50
CA GLU A 283 -15.20 -14.68 -10.35
C GLU A 283 -14.00 -15.11 -9.52
N LEU A 284 -12.85 -14.45 -9.69
CA LEU A 284 -11.68 -14.82 -8.91
C LEU A 284 -11.89 -14.55 -7.42
N LEU A 285 -12.54 -13.42 -7.09
CA LEU A 285 -12.78 -13.11 -5.68
C LEU A 285 -13.69 -14.15 -5.02
N GLU A 286 -14.52 -14.84 -5.81
CA GLU A 286 -15.49 -15.79 -5.29
C GLU A 286 -14.98 -17.22 -5.32
N LEU A 287 -13.71 -17.44 -5.67
CA LEU A 287 -13.18 -18.79 -5.80
C LEU A 287 -13.03 -19.46 -4.45
N GLU A 288 -13.09 -20.79 -4.45
CA GLU A 288 -12.88 -21.60 -3.26
C GLU A 288 -11.38 -21.74 -3.02
N VAL A 289 -10.82 -20.84 -2.22
CA VAL A 289 -9.40 -20.83 -1.91
C VAL A 289 -9.23 -20.73 -0.40
N ASP A 290 -7.98 -20.94 0.05
CA ASP A 290 -7.69 -20.85 1.48
C ASP A 290 -7.19 -19.46 1.83
N VAL A 291 -6.50 -18.79 0.91
CA VAL A 291 -6.05 -17.42 1.11
C VAL A 291 -6.43 -16.61 -0.13
N LEU A 292 -7.00 -15.44 0.09
CA LEU A 292 -7.33 -14.50 -0.98
C LEU A 292 -6.60 -13.19 -0.70
N ALA A 293 -5.79 -12.75 -1.67
CA ALA A 293 -4.97 -11.54 -1.52
C ALA A 293 -5.34 -10.55 -2.61
N PRO A 294 -6.19 -9.57 -2.31
CA PRO A 294 -6.42 -8.48 -3.26
C PRO A 294 -5.24 -7.50 -3.29
N ALA A 295 -4.60 -7.36 -4.45
CA ALA A 295 -3.44 -6.50 -4.60
C ALA A 295 -3.65 -5.54 -5.76
N ALA A 296 -4.78 -4.86 -5.78
CA ALA A 296 -5.19 -4.02 -6.90
C ALA A 296 -5.95 -2.80 -6.41
N ILE A 297 -6.76 -2.22 -7.29
CA ILE A 297 -7.57 -1.05 -6.94
C ILE A 297 -8.43 -1.30 -5.71
N GLU A 298 -8.75 -0.23 -4.99
CA GLU A 298 -9.50 -0.38 -3.75
C GLU A 298 -10.97 -0.68 -4.01
N GLU A 299 -11.67 -1.05 -2.94
CA GLU A 299 -13.11 -1.29 -2.97
C GLU A 299 -13.48 -2.38 -3.96
N VAL A 300 -13.02 -3.61 -3.69
CA VAL A 300 -13.31 -4.74 -4.55
C VAL A 300 -14.26 -5.70 -3.85
N ILE A 301 -14.40 -5.55 -2.55
CA ILE A 301 -15.30 -6.39 -1.76
C ILE A 301 -16.34 -5.48 -1.10
N THR A 302 -17.60 -5.63 -1.51
CA THR A 302 -18.71 -4.83 -1.02
C THR A 302 -19.88 -5.75 -0.75
N GLU A 303 -21.05 -5.16 -0.51
CA GLU A 303 -22.26 -5.93 -0.23
C GLU A 303 -22.75 -6.66 -1.47
N LYS A 304 -22.02 -6.51 -2.56
CA LYS A 304 -22.38 -7.16 -3.82
C LYS A 304 -21.64 -8.49 -3.98
N ASN A 305 -20.74 -8.78 -3.04
CA ASN A 305 -19.97 -10.01 -3.09
C ASN A 305 -19.40 -10.42 -1.73
N ALA A 306 -19.70 -9.65 -0.69
CA ALA A 306 -19.19 -9.97 0.63
C ALA A 306 -19.62 -11.37 1.08
N ASP A 307 -20.87 -11.75 0.82
CA ASP A 307 -21.34 -13.07 1.22
C ASP A 307 -20.84 -14.17 0.32
N ASN A 308 -20.28 -13.83 -0.84
CA ASN A 308 -19.77 -14.84 -1.77
C ASN A 308 -18.30 -15.15 -1.59
N ILE A 309 -17.62 -14.49 -0.65
CA ILE A 309 -16.22 -14.78 -0.40
C ILE A 309 -16.10 -16.10 0.36
N LYS A 310 -15.26 -17.01 -0.14
CA LYS A 310 -15.08 -18.31 0.46
C LYS A 310 -13.64 -18.61 0.86
N ALA A 311 -12.88 -17.59 1.26
CA ALA A 311 -11.50 -17.82 1.68
C ALA A 311 -11.40 -17.80 3.20
N LYS A 312 -10.55 -18.68 3.72
CA LYS A 312 -10.33 -18.73 5.17
C LYS A 312 -9.66 -17.46 5.68
N ILE A 313 -8.67 -16.96 4.95
CA ILE A 313 -7.92 -15.77 5.33
C ILE A 313 -7.93 -14.82 4.14
N VAL A 314 -8.30 -13.57 4.39
CA VAL A 314 -8.26 -12.52 3.37
C VAL A 314 -7.11 -11.59 3.74
N ALA A 315 -6.08 -11.57 2.91
CA ALA A 315 -4.92 -10.73 3.14
C ALA A 315 -5.04 -9.47 2.27
N GLU A 316 -5.41 -8.36 2.91
CA GLU A 316 -5.65 -7.10 2.20
C GLU A 316 -4.31 -6.47 1.86
N VAL A 317 -3.69 -6.98 0.79
CA VAL A 317 -2.44 -6.39 0.30
C VAL A 317 -2.70 -4.99 -0.26
N ALA A 318 -3.86 -4.79 -0.88
CA ALA A 318 -4.20 -3.49 -1.42
C ALA A 318 -4.58 -2.52 -0.31
N ASN A 319 -4.69 -1.24 -0.67
CA ASN A 319 -5.05 -0.19 0.26
C ASN A 319 -6.57 -0.01 0.26
N GLY A 320 -7.21 -0.41 1.36
CA GLY A 320 -8.63 -0.29 1.51
C GLY A 320 -9.46 -1.05 0.50
N PRO A 321 -9.22 -2.36 0.35
CA PRO A 321 -9.98 -3.11 -0.66
C PRO A 321 -11.33 -3.59 -0.17
N VAL A 322 -11.61 -3.50 1.13
CA VAL A 322 -12.84 -4.03 1.72
C VAL A 322 -13.55 -2.90 2.45
N THR A 323 -14.85 -2.78 2.21
CA THR A 323 -15.68 -1.76 2.85
C THR A 323 -16.04 -2.18 4.28
N PRO A 324 -16.35 -1.22 5.15
CA PRO A 324 -16.68 -1.59 6.54
C PRO A 324 -17.86 -2.54 6.67
N GLU A 325 -18.85 -2.35 5.81
CA GLU A 325 -20.03 -3.21 5.78
C GLU A 325 -19.54 -4.60 5.41
N ALA A 326 -18.79 -4.69 4.32
CA ALA A 326 -18.23 -5.97 3.91
C ALA A 326 -17.35 -6.56 4.99
N ASP A 327 -16.67 -5.72 5.77
CA ASP A 327 -15.90 -6.20 6.91
C ASP A 327 -16.80 -6.88 7.92
N ASP A 328 -17.95 -6.26 8.22
CA ASP A 328 -18.90 -6.84 9.15
C ASP A 328 -19.44 -8.17 8.63
N ILE A 329 -19.77 -8.23 7.34
CA ILE A 329 -20.29 -9.47 6.76
C ILE A 329 -19.23 -10.57 6.84
N LEU A 330 -17.98 -10.26 6.48
CA LEU A 330 -16.92 -11.25 6.51
C LEU A 330 -16.65 -11.75 7.93
N ARG A 331 -16.66 -10.83 8.90
CA ARG A 331 -16.45 -11.24 10.29
C ARG A 331 -17.60 -12.12 10.78
N GLU A 332 -18.83 -11.82 10.35
CA GLU A 332 -19.95 -12.67 10.70
C GLU A 332 -19.81 -14.06 10.10
N LYS A 333 -19.06 -14.17 9.00
CA LYS A 333 -18.87 -15.45 8.34
C LYS A 333 -17.69 -16.24 8.88
N GLY A 334 -17.01 -15.72 9.90
CA GLY A 334 -15.88 -16.40 10.47
C GLY A 334 -14.62 -16.36 9.65
N ILE A 335 -14.47 -15.35 8.80
CA ILE A 335 -13.29 -15.22 7.94
C ILE A 335 -12.33 -14.24 8.60
N LEU A 336 -11.10 -14.67 8.85
CA LEU A 336 -10.07 -13.82 9.43
C LEU A 336 -9.57 -12.85 8.38
N GLN A 337 -9.51 -11.57 8.73
CA GLN A 337 -9.01 -10.56 7.81
C GLN A 337 -7.76 -9.90 8.38
N ILE A 338 -6.72 -9.85 7.57
CA ILE A 338 -5.55 -9.05 7.91
C ILE A 338 -5.82 -7.63 7.45
N PRO A 339 -5.82 -6.65 8.35
CA PRO A 339 -6.18 -5.28 7.96
C PRO A 339 -5.25 -4.72 6.89
N ASP A 340 -5.80 -3.83 6.07
CA ASP A 340 -5.07 -3.34 4.90
C ASP A 340 -3.77 -2.67 5.27
N PHE A 341 -3.80 -1.79 6.28
CA PHE A 341 -2.58 -1.06 6.63
C PHE A 341 -1.68 -1.84 7.59
N LEU A 342 -2.01 -3.08 7.89
CA LEU A 342 -1.10 -3.97 8.61
C LEU A 342 -0.51 -5.04 7.70
N CYS A 343 -1.32 -5.55 6.76
CA CYS A 343 -0.85 -6.60 5.87
C CYS A 343 0.26 -6.11 4.95
N ASN A 344 0.09 -4.92 4.36
CA ASN A 344 1.04 -4.39 3.39
C ASN A 344 1.96 -3.35 4.00
N ALA A 345 2.18 -3.39 5.31
CA ALA A 345 3.09 -2.47 5.98
C ALA A 345 4.55 -2.82 5.73
N GLY A 346 4.83 -3.97 5.13
CA GLY A 346 6.21 -4.33 4.82
C GLY A 346 6.85 -3.38 3.83
N GLY A 347 6.09 -2.90 2.86
CA GLY A 347 6.60 -1.95 1.89
C GLY A 347 7.05 -0.65 2.53
N VAL A 348 6.21 -0.08 3.39
CA VAL A 348 6.54 1.17 4.06
C VAL A 348 7.65 0.93 5.07
N THR A 349 7.70 -0.27 5.65
CA THR A 349 8.79 -0.60 6.57
C THR A 349 10.15 -0.62 5.87
N VAL A 350 10.23 -1.28 4.71
CA VAL A 350 11.49 -1.30 3.99
C VAL A 350 11.79 0.06 3.38
N SER A 351 10.75 0.84 3.06
CA SER A 351 10.97 2.23 2.66
C SER A 351 11.61 3.03 3.79
N TYR A 352 11.15 2.80 5.02
CA TYR A 352 11.77 3.44 6.18
C TYR A 352 13.21 3.00 6.34
N PHE A 353 13.49 1.72 6.12
CA PHE A 353 14.86 1.23 6.17
C PHE A 353 15.73 1.90 5.11
N GLU A 354 15.20 2.07 3.89
CA GLU A 354 15.94 2.74 2.83
C GLU A 354 16.19 4.20 3.18
N TRP A 355 15.20 4.87 3.77
CA TRP A 355 15.37 6.26 4.18
C TRP A 355 16.44 6.39 5.26
N VAL A 356 16.45 5.45 6.21
CA VAL A 356 17.49 5.45 7.25
C VAL A 356 18.86 5.25 6.62
N GLN A 357 18.98 4.31 5.68
CA GLN A 357 20.25 4.08 5.01
C GLN A 357 20.70 5.32 4.24
N ASN A 358 19.75 6.02 3.61
CA ASN A 358 20.09 7.19 2.81
C ASN A 358 20.56 8.34 3.70
N ILE A 359 19.83 8.62 4.79
CA ILE A 359 20.21 9.71 5.67
C ILE A 359 21.47 9.42 6.47
N ASN A 360 21.74 8.17 6.79
CA ASN A 360 22.97 7.80 7.47
C ASN A 360 24.14 7.57 6.53
N GLY A 361 23.87 7.41 5.23
CA GLY A 361 24.95 7.19 4.27
C GLY A 361 25.57 5.81 4.36
N TYR A 362 24.95 4.90 5.11
CA TYR A 362 25.45 3.55 5.28
C TYR A 362 24.34 2.58 4.90
N TYR A 363 24.67 1.58 4.09
CA TYR A 363 23.69 0.68 3.51
C TYR A 363 23.87 -0.73 4.07
N TRP A 364 22.74 -1.40 4.27
CA TRP A 364 22.69 -2.71 4.91
C TRP A 364 22.71 -3.82 3.87
N THR A 365 22.60 -5.06 4.36
CA THR A 365 22.55 -6.22 3.49
C THR A 365 21.14 -6.79 3.41
N GLU A 366 20.98 -7.81 2.58
CA GLU A 366 19.67 -8.45 2.43
C GLU A 366 19.23 -9.11 3.74
N GLU A 367 20.16 -9.78 4.43
CA GLU A 367 19.80 -10.52 5.63
C GLU A 367 19.35 -9.58 6.74
N GLU A 368 20.04 -8.45 6.93
CA GLU A 368 19.65 -7.51 7.97
C GLU A 368 18.26 -6.93 7.71
N VAL A 369 18.00 -6.53 6.46
CA VAL A 369 16.70 -5.99 6.12
C VAL A 369 15.61 -7.04 6.32
N ARG A 370 15.89 -8.28 5.90
CA ARG A 370 14.93 -9.37 6.05
C ARG A 370 14.60 -9.65 7.51
N GLU A 371 15.62 -9.65 8.37
CA GLU A 371 15.42 -9.93 9.79
C GLU A 371 14.65 -8.79 10.47
N LYS A 372 15.03 -7.54 10.19
CA LYS A 372 14.34 -6.41 10.80
C LYS A 372 12.88 -6.36 10.35
N LEU A 373 12.63 -6.59 9.05
CA LEU A 373 11.27 -6.58 8.56
C LEU A 373 10.43 -7.68 9.20
N ASP A 374 11.00 -8.89 9.31
CA ASP A 374 10.28 -9.99 9.94
C ASP A 374 9.93 -9.66 11.37
N LYS A 375 10.90 -9.12 12.10
CA LYS A 375 10.71 -8.75 13.50
C LYS A 375 9.61 -7.70 13.69
N LYS A 376 9.64 -6.67 12.85
CA LYS A 376 8.64 -5.60 12.93
C LYS A 376 7.25 -6.09 12.57
N MET A 377 7.14 -6.84 11.47
CA MET A 377 5.83 -7.32 11.04
C MET A 377 5.24 -8.28 12.04
N THR A 378 6.04 -9.20 12.59
CA THR A 378 5.54 -10.14 13.57
C THR A 378 5.05 -9.41 14.81
N LYS A 379 5.83 -8.45 15.31
CA LYS A 379 5.40 -7.70 16.49
C LYS A 379 4.10 -6.95 16.25
N ALA A 380 4.00 -6.26 15.11
CA ALA A 380 2.79 -5.50 14.83
C ALA A 380 1.57 -6.42 14.69
N PHE A 381 1.73 -7.53 13.96
CA PHE A 381 0.60 -8.43 13.76
C PHE A 381 0.13 -9.02 15.08
N TRP A 382 1.08 -9.43 15.94
CA TRP A 382 0.67 -10.04 17.20
C TRP A 382 0.04 -9.02 18.13
N GLU A 383 0.53 -7.77 18.09
CA GLU A 383 -0.12 -6.71 18.86
C GLU A 383 -1.57 -6.53 18.42
N VAL A 384 -1.80 -6.45 17.10
CA VAL A 384 -3.17 -6.27 16.61
C VAL A 384 -4.04 -7.48 16.94
N TYR A 385 -3.48 -8.68 16.80
CA TYR A 385 -4.25 -9.89 17.07
C TYR A 385 -4.68 -9.97 18.54
N ASN A 386 -3.73 -9.80 19.45
CA ASN A 386 -4.08 -9.80 20.87
C ASN A 386 -5.01 -8.65 21.20
N THR A 387 -4.90 -7.53 20.48
CA THR A 387 -5.80 -6.41 20.73
C THR A 387 -7.24 -6.77 20.40
N HIS A 388 -7.44 -7.41 19.25
CA HIS A 388 -8.78 -7.80 18.80
C HIS A 388 -9.36 -8.96 19.61
N LYS A 389 -8.49 -9.79 20.16
CA LYS A 389 -8.91 -10.92 20.99
C LYS A 389 -9.32 -10.46 22.38
N ASP A 390 -8.54 -9.56 22.98
CA ASP A 390 -8.84 -9.09 24.32
C ASP A 390 -10.15 -8.31 24.36
N LYS A 391 -10.36 -7.44 23.38
CA LYS A 391 -11.54 -6.58 23.36
C LYS A 391 -12.73 -7.18 22.62
N ASN A 392 -12.54 -8.32 21.96
CA ASN A 392 -13.58 -8.96 21.17
C ASN A 392 -14.16 -8.00 20.13
N ILE A 393 -13.28 -7.53 19.25
CA ILE A 393 -13.65 -6.58 18.21
C ILE A 393 -13.09 -7.05 16.88
N HIS A 394 -13.45 -6.35 15.81
CA HIS A 394 -12.97 -6.68 14.48
C HIS A 394 -11.48 -6.38 14.37
N MET A 395 -10.80 -7.08 13.46
CA MET A 395 -9.37 -6.87 13.25
C MET A 395 -9.05 -5.43 12.89
N ARG A 396 -9.74 -4.92 11.86
CA ARG A 396 -9.56 -3.56 11.37
C ARG A 396 -9.60 -2.55 12.51
N ASP A 397 -10.62 -2.66 13.35
CA ASP A 397 -10.75 -1.79 14.50
C ASP A 397 -9.56 -1.91 15.44
N ALA A 398 -9.13 -3.14 15.74
CA ALA A 398 -8.05 -3.35 16.70
C ALA A 398 -6.78 -2.65 16.24
N ALA A 399 -6.42 -2.83 14.97
CA ALA A 399 -5.26 -2.13 14.43
C ALA A 399 -5.40 -0.63 14.63
N TYR A 400 -6.59 -0.08 14.38
CA TYR A 400 -6.83 1.33 14.63
C TYR A 400 -6.52 1.69 16.07
N VAL A 401 -6.98 0.87 17.02
CA VAL A 401 -6.71 1.10 18.42
C VAL A 401 -5.21 1.09 18.68
N VAL A 402 -4.49 0.21 17.98
CA VAL A 402 -3.03 0.19 18.09
C VAL A 402 -2.43 1.43 17.44
N ALA A 403 -2.98 1.84 16.30
CA ALA A 403 -2.37 2.90 15.51
C ALA A 403 -2.74 4.27 16.04
N VAL A 404 -4.04 4.60 16.02
CA VAL A 404 -4.49 5.96 16.32
C VAL A 404 -4.01 6.39 17.69
N SER A 405 -4.10 5.51 18.69
CA SER A 405 -3.64 5.84 20.03
C SER A 405 -2.22 6.40 19.99
N ARG A 406 -1.32 5.70 19.32
CA ARG A 406 0.05 6.21 19.19
C ARG A 406 0.05 7.62 18.61
N VAL A 407 -0.63 7.81 17.48
CA VAL A 407 -0.74 9.14 16.89
C VAL A 407 -1.32 10.11 17.91
N TYR A 408 -2.40 9.69 18.59
CA TYR A 408 -2.99 10.53 19.62
C TYR A 408 -1.94 10.94 20.64
N GLN A 409 -1.17 9.97 21.14
CA GLN A 409 -0.13 10.28 22.12
C GLN A 409 0.80 11.35 21.59
N ALA A 410 1.18 11.25 20.32
CA ALA A 410 2.10 12.22 19.75
C ALA A 410 1.56 13.64 19.88
N MET A 411 0.27 13.82 19.59
CA MET A 411 -0.30 15.15 19.73
C MET A 411 -0.25 15.62 21.18
N LYS A 412 -0.55 14.72 22.11
CA LYS A 412 -0.49 15.10 23.53
C LYS A 412 0.93 15.41 23.94
N ASP A 413 1.92 14.88 23.21
CA ASP A 413 3.31 15.21 23.50
C ASP A 413 3.77 16.47 22.79
N ARG A 414 2.97 16.97 21.85
CA ARG A 414 3.31 18.19 21.12
C ARG A 414 2.50 19.40 21.58
N GLY A 415 1.45 19.18 22.37
CA GLY A 415 0.55 20.26 22.75
C GLY A 415 -0.48 20.63 21.72
N TRP A 416 -0.61 19.84 20.64
CA TRP A 416 -1.60 20.15 19.61
C TRP A 416 -3.02 20.08 20.17
N VAL A 417 -3.30 19.06 20.97
CA VAL A 417 -4.59 18.92 21.65
C VAL A 417 -4.32 18.79 23.14
N LYS A 418 -5.04 19.59 23.93
CA LYS A 418 -4.85 19.59 25.37
C LYS A 418 -5.42 18.34 26.03
N LYS A 419 -6.62 17.94 25.62
CA LYS A 419 -7.25 16.75 26.18
C LYS A 419 -6.75 15.48 25.51
PA NAP B . 1.15 -1.83 -9.79
O1A NAP B . 1.70 -0.55 -10.39
O2A NAP B . 2.05 -3.02 -9.61
O5B NAP B . -0.13 -2.28 -10.65
C5B NAP B . -1.28 -2.82 -10.01
C4B NAP B . -1.76 -4.03 -10.78
O4B NAP B . -3.15 -4.27 -10.51
C3B NAP B . -1.60 -3.84 -12.28
O3B NAP B . -0.82 -4.91 -12.81
C2B NAP B . -3.02 -3.84 -12.84
O2B NAP B . -3.14 -4.63 -14.01
C1B NAP B . -3.89 -4.39 -11.73
N9A NAP B . -5.15 -3.61 -11.64
C8A NAP B . -5.27 -2.27 -11.72
N7A NAP B . -6.56 -1.89 -11.60
C5A NAP B . -7.31 -2.99 -11.44
C6A NAP B . -8.74 -3.30 -11.27
N6A NAP B . -9.67 -2.31 -11.23
N1A NAP B . -9.09 -4.60 -11.14
C2A NAP B . -8.19 -5.59 -11.18
N3A NAP B . -6.86 -5.38 -11.34
C4A NAP B . -6.38 -4.13 -11.47
O3 NAP B . 0.50 -1.47 -8.36
PN NAP B . 1.07 -2.14 -7.01
O1N NAP B . 2.37 -1.46 -6.65
O2N NAP B . 1.01 -3.64 -7.17
O5D NAP B . -0.04 -1.71 -5.92
C5D NAP B . -1.15 -2.55 -5.64
C4D NAP B . -1.85 -2.06 -4.38
O4D NAP B . -1.06 -2.39 -3.23
C3D NAP B . -2.02 -0.55 -4.41
O3D NAP B . -3.39 -0.24 -4.19
C2D NAP B . -1.14 -0.03 -3.29
O2D NAP B . -1.79 0.98 -2.50
C1D NAP B . -0.80 -1.24 -2.44
N1N NAP B . 0.61 -1.20 -2.04
C2N NAP B . 1.53 -0.79 -2.91
C3N NAP B . 2.87 -0.73 -2.58
C7N NAP B . 3.86 -0.27 -3.61
O7N NAP B . 5.03 -0.12 -3.29
N7N NAP B . 3.44 -0.03 -4.85
C4N NAP B . 3.36 -1.14 -1.22
C5N NAP B . 2.26 -1.57 -0.36
C6N NAP B . 0.95 -1.58 -0.80
P2B NAP B . -2.69 -4.05 -15.44
O1X NAP B . -3.55 -4.79 -16.43
O2X NAP B . -1.22 -4.37 -15.52
O3X NAP B . -3.00 -2.57 -15.35
N GGL C . 1.93 1.10 1.26
CA GGL C . 2.52 2.39 0.92
C GGL C . 2.15 2.81 -0.51
O GGL C . 1.19 3.57 -0.67
CB GGL C . 4.03 2.34 1.07
CG GGL C . 4.78 3.31 0.17
CD GGL C . 6.06 3.82 0.78
OE1 GGL C . 6.05 4.93 1.36
OE2 GGL C . 7.09 3.11 0.70
OXT GGL C . 2.81 2.37 -1.44
#